data_5ELT
#
_entry.id   5ELT
#
_cell.length_a   54.880
_cell.length_b   46.060
_cell.length_c   83.980
_cell.angle_alpha   90.000
_cell.angle_beta   96.360
_cell.angle_gamma   90.000
#
_symmetry.space_group_name_H-M   'P 1 21 1'
#
loop_
_entity.id
_entity.type
_entity.pdbx_description
1 polymer 'KH domain-containing, RNA-binding, signal transduction-associated protein 3'
2 polymer "RNA (5'-R(P*UP*AP*AP*U)-3')"
3 water water
#
loop_
_entity_poly.entity_id
_entity_poly.type
_entity_poly.pdbx_seq_one_letter_code
_entity_poly.pdbx_strand_id
1 'polypeptide(L)'
;GAMEEKYLPELMAEKDSLDPSFTHALRLVNQEIEKFQKGEGKDEEKYIDVVINKNMKLGQKVLIPVKQFPKFNFVGKLLG
PRGNSLKRLQEETLTKMSILGKGSMRDKAKEEELRKSGEAKYFHLNDDLHVLIEVFAPPAEAYARMGHALEEIKKFLIPD
YN
;
B,A
2 'polyribonucleotide' UAAU E,F
#
# COMPACT_ATOMS: atom_id res chain seq x y z
N GLY A 1 8.84 -17.12 -1.68
CA GLY A 1 7.67 -16.63 -2.39
C GLY A 1 7.68 -17.10 -3.84
N ALA A 2 6.51 -17.17 -4.46
CA ALA A 2 6.43 -17.65 -5.85
C ALA A 2 7.23 -16.77 -6.80
N MET A 3 7.50 -15.51 -6.42
CA MET A 3 8.35 -14.65 -7.25
C MET A 3 9.76 -15.22 -7.38
N GLU A 4 10.36 -15.59 -6.26
CA GLU A 4 11.71 -16.16 -6.27
C GLU A 4 11.78 -17.56 -6.88
N GLU A 5 10.64 -18.25 -7.00
CA GLU A 5 10.64 -19.57 -7.62
C GLU A 5 10.49 -19.54 -9.14
N LYS A 6 9.68 -18.64 -9.71
CA LYS A 6 9.53 -18.70 -11.14
C LYS A 6 9.71 -17.36 -11.87
N TYR A 7 9.18 -16.28 -11.30
CA TYR A 7 9.33 -14.97 -11.92
C TYR A 7 10.81 -14.60 -12.11
N LEU A 8 11.58 -14.67 -11.04
CA LEU A 8 12.97 -14.25 -11.13
C LEU A 8 13.78 -15.13 -12.08
N PRO A 9 13.71 -16.47 -12.03
CA PRO A 9 14.39 -17.25 -13.09
C PRO A 9 13.96 -16.85 -14.49
N GLU A 10 12.66 -16.61 -14.68
CA GLU A 10 12.18 -16.18 -15.98
C GLU A 10 12.82 -14.87 -16.40
N LEU A 11 12.83 -13.87 -15.51
CA LEU A 11 13.49 -12.62 -15.83
C LEU A 11 14.92 -12.91 -16.22
N MET A 12 15.59 -13.76 -15.43
CA MET A 12 17.01 -14.06 -15.65
C MET A 12 17.25 -14.67 -17.02
N ALA A 13 16.42 -15.63 -17.40
CA ALA A 13 16.54 -16.27 -18.70
C ALA A 13 16.29 -15.28 -19.84
N GLU A 14 15.33 -14.35 -19.66
CA GLU A 14 15.17 -13.29 -20.67
C GLU A 14 16.40 -12.40 -20.77
N LYS A 15 16.97 -12.01 -19.63
CA LYS A 15 18.11 -11.11 -19.71
C LYS A 15 19.28 -11.79 -20.43
N ASP A 16 19.52 -13.09 -20.16
CA ASP A 16 20.61 -13.82 -20.81
C ASP A 16 20.40 -13.98 -22.32
N SER A 17 19.14 -14.08 -22.79
CA SER A 17 18.96 -14.32 -24.21
C SER A 17 18.51 -13.08 -24.98
N LEU A 18 18.29 -11.95 -24.32
CA LEU A 18 17.88 -10.76 -25.06
C LEU A 18 19.05 -10.27 -25.91
N ASP A 19 18.78 -9.91 -27.18
CA ASP A 19 19.80 -9.30 -28.05
C ASP A 19 20.12 -7.94 -27.46
N PRO A 20 21.35 -7.68 -27.07
CA PRO A 20 21.61 -6.42 -26.38
C PRO A 20 21.44 -5.18 -27.26
N SER A 21 21.11 -5.27 -28.55
CA SER A 21 20.74 -4.00 -29.20
C SER A 21 19.40 -3.47 -28.68
N PHE A 22 18.64 -4.29 -27.95
CA PHE A 22 17.41 -3.80 -27.30
C PHE A 22 17.79 -3.15 -25.98
N THR A 23 18.44 -1.99 -26.08
CA THR A 23 19.05 -1.45 -24.87
C THR A 23 18.00 -0.99 -23.86
N HIS A 24 16.78 -0.63 -24.30
CA HIS A 24 15.78 -0.26 -23.32
C HIS A 24 15.24 -1.48 -22.59
N ALA A 25 14.69 -2.46 -23.32
CA ALA A 25 14.23 -3.70 -22.71
C ALA A 25 15.29 -4.34 -21.81
N LEU A 26 16.57 -4.40 -22.25
CA LEU A 26 17.60 -4.98 -21.39
C LEU A 26 17.79 -4.16 -20.13
N ARG A 27 17.79 -2.84 -20.28
CA ARG A 27 17.89 -1.97 -19.13
C ARG A 27 16.71 -2.22 -18.18
N LEU A 28 15.49 -2.30 -18.71
CA LEU A 28 14.33 -2.42 -17.82
C LEU A 28 14.29 -3.80 -17.15
N VAL A 29 14.61 -4.88 -17.90
CA VAL A 29 14.71 -6.20 -17.28
C VAL A 29 15.75 -6.18 -16.15
N ASN A 30 16.92 -5.55 -16.39
CA ASN A 30 17.97 -5.53 -15.36
C ASN A 30 17.52 -4.76 -14.13
N GLN A 31 16.87 -3.61 -14.32
CA GLN A 31 16.37 -2.84 -13.19
C GLN A 31 15.30 -3.61 -12.41
N GLU A 32 14.43 -4.34 -13.12
CA GLU A 32 13.42 -5.14 -12.44
C GLU A 32 14.02 -6.33 -11.68
N ILE A 33 15.06 -6.97 -12.22
CA ILE A 33 15.76 -7.99 -11.44
C ILE A 33 16.35 -7.36 -10.18
N GLU A 34 16.95 -6.17 -10.33
CA GLU A 34 17.51 -5.49 -9.17
C GLU A 34 16.44 -5.19 -8.12
N LYS A 35 15.27 -4.71 -8.55
CA LYS A 35 14.23 -4.29 -7.61
C LYS A 35 13.83 -5.46 -6.73
N PHE A 36 13.61 -6.62 -7.35
CA PHE A 36 13.21 -7.82 -6.62
C PHE A 36 14.32 -8.35 -5.73
N GLN A 37 15.58 -8.24 -6.13
CA GLN A 37 16.59 -8.79 -5.24
C GLN A 37 16.89 -7.92 -4.00
N LYS A 38 16.30 -6.74 -3.87
CA LYS A 38 16.57 -5.97 -2.65
C LYS A 38 15.38 -6.07 -1.70
N GLU A 45 5.85 -2.02 4.45
CA GLU A 45 5.79 -3.46 4.16
C GLU A 45 4.32 -3.93 4.08
N LYS A 46 4.07 -5.00 3.33
CA LYS A 46 2.87 -5.07 2.53
C LYS A 46 1.91 -6.22 2.80
N TYR A 47 2.35 -7.35 3.35
CA TYR A 47 1.52 -8.55 3.43
C TYR A 47 1.29 -8.93 4.88
N ILE A 48 0.02 -8.99 5.28
CA ILE A 48 -0.35 -9.36 6.63
C ILE A 48 -0.38 -10.87 6.79
N ASP A 49 0.32 -11.37 7.81
CA ASP A 49 0.30 -12.77 8.24
C ASP A 49 -0.66 -12.83 9.40
N VAL A 50 -1.87 -13.33 9.15
CA VAL A 50 -2.95 -13.16 10.12
C VAL A 50 -3.00 -14.31 11.11
N VAL A 51 -2.24 -15.37 10.89
CA VAL A 51 -2.10 -16.39 11.92
C VAL A 51 -1.17 -15.89 13.04
N ILE A 52 -0.02 -15.35 12.70
CA ILE A 52 0.85 -14.78 13.73
C ILE A 52 0.26 -13.46 14.28
N ASN A 53 -0.27 -12.60 13.42
CA ASN A 53 -0.93 -11.40 13.92
C ASN A 53 0.05 -10.53 14.71
N LYS A 54 1.22 -10.26 14.11
CA LYS A 54 2.18 -9.45 14.86
C LYS A 54 1.95 -7.96 14.66
N ASN A 55 2.53 -7.18 15.56
CA ASN A 55 2.44 -5.75 15.48
C ASN A 55 2.87 -5.24 14.12
N MET A 56 2.09 -4.28 13.61
CA MET A 56 2.31 -3.65 12.33
C MET A 56 2.35 -2.14 12.51
N LYS A 57 3.19 -1.50 11.70
CA LYS A 57 3.33 -0.05 11.65
C LYS A 57 2.35 0.53 10.63
N LEU A 58 1.67 1.62 11.02
CA LEU A 58 0.89 2.40 10.08
C LEU A 58 1.12 3.86 10.38
N GLY A 59 1.35 4.64 9.32
CA GLY A 59 1.53 6.07 9.43
C GLY A 59 0.61 6.78 8.47
N GLN A 60 0.15 7.96 8.88
CA GLN A 60 -0.71 8.77 8.03
C GLN A 60 -0.40 10.23 8.31
N LYS A 61 -0.16 11.00 7.26
CA LYS A 61 0.14 12.42 7.42
C LYS A 61 -1.16 13.20 7.18
N VAL A 62 -1.44 14.17 8.04
CA VAL A 62 -2.70 14.89 7.99
C VAL A 62 -2.41 16.36 7.82
N LEU A 63 -2.88 16.94 6.73
CA LEU A 63 -2.53 18.31 6.40
C LEU A 63 -3.16 19.27 7.41
N ILE A 64 -2.39 20.23 7.90
CA ILE A 64 -2.94 21.33 8.68
C ILE A 64 -3.37 22.42 7.70
N PRO A 65 -4.66 22.78 7.67
CA PRO A 65 -5.19 23.52 6.51
C PRO A 65 -4.85 25.00 6.55
N VAL A 66 -3.55 25.31 6.57
CA VAL A 66 -3.11 26.71 6.76
C VAL A 66 -3.63 27.61 5.64
N LYS A 67 -3.78 27.09 4.43
CA LYS A 67 -4.08 28.00 3.33
C LYS A 67 -5.55 28.44 3.35
N GLN A 68 -6.47 27.54 3.74
CA GLN A 68 -7.86 27.99 3.89
C GLN A 68 -8.02 28.87 5.10
N PHE A 69 -7.25 28.60 6.17
CA PHE A 69 -7.32 29.38 7.41
C PHE A 69 -5.94 29.96 7.69
N PRO A 70 -5.61 31.10 7.06
CA PRO A 70 -4.19 31.49 6.95
C PRO A 70 -3.54 31.89 8.26
N LYS A 71 -4.28 32.30 9.30
CA LYS A 71 -3.59 32.54 10.56
C LYS A 71 -4.48 32.28 11.77
N PHE A 72 -5.43 31.36 11.66
CA PHE A 72 -5.81 30.60 12.83
C PHE A 72 -4.59 29.85 13.34
N ASN A 73 -4.42 29.83 14.66
CA ASN A 73 -3.22 29.24 15.28
C ASN A 73 -3.49 27.76 15.58
N PHE A 74 -3.20 26.92 14.58
CA PHE A 74 -3.45 25.49 14.72
C PHE A 74 -2.45 24.86 15.67
N VAL A 75 -1.16 25.12 15.44
CA VAL A 75 -0.09 24.50 16.21
C VAL A 75 -0.32 24.74 17.69
N GLY A 76 -0.67 25.99 18.05
CA GLY A 76 -1.01 26.32 19.42
C GLY A 76 -2.25 25.59 19.94
N LYS A 77 -3.29 25.46 19.13
CA LYS A 77 -4.45 24.72 19.61
C LYS A 77 -4.14 23.24 19.79
N LEU A 78 -3.33 22.67 18.88
CA LEU A 78 -3.01 21.26 18.97
C LEU A 78 -2.19 20.95 20.22
N LEU A 79 -1.28 21.83 20.62
CA LEU A 79 -0.38 21.48 21.72
C LEU A 79 -0.97 21.81 23.09
N GLY A 80 -1.53 23.04 23.24
CA GLY A 80 -1.98 23.57 24.52
C GLY A 80 -0.83 23.92 25.46
N PRO A 81 -1.15 24.31 26.69
CA PRO A 81 -0.07 24.61 27.66
C PRO A 81 0.85 23.42 27.91
N ARG A 82 2.16 23.68 27.87
CA ARG A 82 3.22 22.68 28.08
C ARG A 82 3.02 21.44 27.22
N GLY A 83 2.20 21.58 26.18
CA GLY A 83 1.94 20.47 25.27
C GLY A 83 0.93 19.47 25.79
N ASN A 84 0.17 19.80 26.83
CA ASN A 84 -0.70 18.80 27.43
C ASN A 84 -1.84 18.35 26.52
N SER A 85 -2.45 19.26 25.74
CA SER A 85 -3.59 18.83 24.93
C SER A 85 -3.20 17.81 23.86
N LEU A 86 -2.00 17.90 23.29
CA LEU A 86 -1.60 16.87 22.35
C LEU A 86 -1.26 15.57 23.08
N LYS A 87 -0.69 15.65 24.28
CA LYS A 87 -0.44 14.45 25.08
C LYS A 87 -1.73 13.71 25.40
N ARG A 88 -2.77 14.44 25.85
CA ARG A 88 -4.08 13.81 26.01
C ARG A 88 -4.45 13.02 24.76
N LEU A 89 -4.30 13.65 23.61
CA LEU A 89 -4.89 13.09 22.42
C LEU A 89 -4.17 11.83 21.97
N GLN A 90 -2.83 11.84 22.02
CA GLN A 90 -2.05 10.64 21.77
C GLN A 90 -2.45 9.53 22.74
N GLU A 91 -2.52 9.84 24.03
CA GLU A 91 -2.87 8.82 25.01
C GLU A 91 -4.28 8.27 24.76
N GLU A 92 -5.25 9.12 24.44
CA GLU A 92 -6.60 8.59 24.28
C GLU A 92 -6.75 7.76 23.02
N THR A 93 -6.02 8.08 21.97
CA THR A 93 -6.07 7.37 20.70
C THR A 93 -5.02 6.27 20.60
N LEU A 94 -4.04 6.28 21.48
CA LEU A 94 -2.95 5.30 21.44
C LEU A 94 -2.11 5.47 20.17
N THR A 95 -1.84 6.72 19.79
CA THR A 95 -0.94 7.00 18.69
C THR A 95 0.26 7.81 19.17
N LYS A 96 1.25 7.95 18.27
CA LYS A 96 2.22 9.04 18.33
C LYS A 96 1.89 10.09 17.27
N MET A 97 2.06 11.36 17.61
CA MET A 97 1.67 12.46 16.73
C MET A 97 2.75 13.52 16.74
N SER A 98 3.22 13.90 15.56
CA SER A 98 4.36 14.80 15.44
C SER A 98 3.95 15.96 14.54
N ILE A 99 4.08 17.19 15.02
CA ILE A 99 3.81 18.37 14.20
C ILE A 99 5.08 18.73 13.43
N LEU A 100 4.97 18.75 12.11
CA LEU A 100 6.11 18.85 11.21
C LEU A 100 5.68 19.71 10.03
N GLY A 101 6.60 19.96 9.10
CA GLY A 101 6.33 20.92 8.03
C GLY A 101 6.84 22.32 8.36
N LYS A 102 6.55 23.30 7.49
CA LYS A 102 6.94 24.70 7.77
C LYS A 102 5.85 25.33 8.59
N GLY A 103 6.26 26.07 9.59
CA GLY A 103 5.36 26.55 10.62
C GLY A 103 5.42 25.72 11.87
N SER A 104 6.16 24.61 11.87
CA SER A 104 6.14 23.69 13.00
C SER A 104 6.86 24.23 14.23
N MET A 105 7.94 24.96 14.04
CA MET A 105 8.76 25.41 15.16
C MET A 105 8.32 26.80 15.60
N ARG A 106 8.63 27.11 16.87
CA ARG A 106 8.10 28.33 17.46
C ARG A 106 8.69 29.57 16.80
N ASP A 107 9.99 29.56 16.52
CA ASP A 107 10.69 30.72 15.98
C ASP A 107 10.96 30.53 14.50
N LYS A 108 10.44 31.44 13.67
CA LYS A 108 10.54 31.29 12.22
C LYS A 108 11.95 31.58 11.71
N ALA A 109 12.70 32.44 12.40
CA ALA A 109 14.03 32.85 11.93
C ALA A 109 14.94 31.65 11.70
N LYS A 110 15.38 31.00 12.77
CA LYS A 110 16.28 29.86 12.60
C LYS A 110 15.62 28.73 11.83
N GLU A 111 14.30 28.56 11.98
CA GLU A 111 13.56 27.43 11.41
C GLU A 111 13.92 27.20 9.95
N GLU A 112 14.26 28.28 9.26
CA GLU A 112 14.78 28.18 7.90
C GLU A 112 16.14 27.46 7.88
N GLU A 113 17.07 27.91 8.72
CA GLU A 113 18.45 27.46 8.64
C GLU A 113 18.64 25.97 8.93
N LEU A 114 17.71 25.30 9.61
CA LEU A 114 18.03 23.96 10.10
C LEU A 114 17.98 22.90 9.01
N ARG A 115 17.29 23.14 7.90
CA ARG A 115 17.42 22.26 6.74
C ARG A 115 18.11 22.98 5.59
N LYS A 116 18.90 23.98 5.93
CA LYS A 116 20.10 24.32 5.22
C LYS A 116 21.28 23.63 5.91
N SER A 117 22.36 23.44 5.14
CA SER A 117 23.61 22.84 5.62
C SER A 117 23.46 21.47 6.26
N GLY A 118 23.23 21.45 7.58
CA GLY A 118 23.24 20.26 8.43
C GLY A 118 22.63 19.04 7.76
N GLU A 119 21.32 19.10 7.54
CA GLU A 119 20.62 18.26 6.57
C GLU A 119 20.83 16.77 6.88
N ALA A 120 20.15 16.33 7.94
CA ALA A 120 20.22 14.95 8.40
C ALA A 120 18.83 14.44 8.79
N LYS A 121 18.13 15.21 9.61
CA LYS A 121 16.83 14.79 10.14
C LYS A 121 15.70 15.76 9.81
N TYR A 122 15.98 16.87 9.13
CA TYR A 122 15.09 18.02 9.08
C TYR A 122 14.59 18.36 7.68
N PHE A 123 14.44 17.41 6.78
CA PHE A 123 13.86 17.84 5.51
C PHE A 123 12.35 17.88 5.55
N HIS A 124 11.75 17.48 6.67
CA HIS A 124 10.33 17.69 6.85
C HIS A 124 10.02 19.17 6.92
N LEU A 125 11.04 19.99 6.96
CA LEU A 125 10.85 21.43 6.80
C LEU A 125 11.13 21.88 5.38
N ASN A 126 10.76 21.06 4.41
CA ASN A 126 10.55 21.53 3.03
C ASN A 126 9.11 21.27 2.58
N ASP A 127 8.33 20.52 3.38
CA ASP A 127 6.96 20.08 3.11
C ASP A 127 5.96 20.92 3.88
N ASP A 128 4.70 20.88 3.43
CA ASP A 128 3.66 21.64 4.11
C ASP A 128 3.55 21.21 5.57
N LEU A 129 2.98 22.12 6.37
CA LEU A 129 2.70 21.85 7.77
C LEU A 129 1.69 20.73 7.92
N HIS A 130 1.95 19.81 8.83
CA HIS A 130 1.13 18.60 8.90
C HIS A 130 1.40 17.86 10.18
N VAL A 131 0.51 16.92 10.47
CA VAL A 131 0.62 16.06 11.65
C VAL A 131 0.87 14.65 11.13
N LEU A 132 1.85 13.99 11.70
CA LEU A 132 2.15 12.61 11.35
C LEU A 132 1.61 11.75 12.48
N ILE A 133 0.69 10.86 12.14
CA ILE A 133 0.05 9.99 13.10
C ILE A 133 0.62 8.61 12.84
N GLU A 134 1.25 8.02 13.86
CA GLU A 134 1.85 6.68 13.76
C GLU A 134 1.25 5.74 14.80
N VAL A 135 0.88 4.53 14.36
CA VAL A 135 0.29 3.50 15.22
C VAL A 135 1.12 2.23 15.10
N PHE A 136 1.27 1.49 16.19
CA PHE A 136 1.98 0.21 16.17
C PHE A 136 1.12 -0.81 16.93
N ALA A 137 0.58 -1.78 16.23
CA ALA A 137 -0.40 -2.68 16.85
C ALA A 137 -0.70 -3.78 15.85
N PRO A 138 -1.27 -4.91 16.31
CA PRO A 138 -1.73 -5.92 15.37
C PRO A 138 -2.65 -5.28 14.34
N PRO A 139 -2.73 -5.85 13.12
CA PRO A 139 -3.39 -5.19 12.00
C PRO A 139 -4.79 -4.66 12.22
N ALA A 140 -5.76 -5.51 12.61
CA ALA A 140 -7.12 -5.01 12.73
C ALA A 140 -7.17 -3.85 13.70
N GLU A 141 -6.49 -3.99 14.83
CA GLU A 141 -6.42 -2.93 15.84
C GLU A 141 -5.69 -1.69 15.33
N ALA A 142 -4.67 -1.87 14.48
CA ALA A 142 -3.92 -0.71 14.00
C ALA A 142 -4.75 0.19 13.08
N TYR A 143 -5.49 -0.42 12.17
CA TYR A 143 -6.39 0.36 11.34
C TYR A 143 -7.49 0.97 12.18
N ALA A 144 -8.01 0.21 13.14
CA ALA A 144 -9.06 0.75 13.98
C ALA A 144 -8.55 1.98 14.71
N ARG A 145 -7.30 1.90 15.20
CA ARG A 145 -6.72 2.99 15.98
C ARG A 145 -6.49 4.21 15.11
N MET A 146 -6.02 4.02 13.87
CA MET A 146 -5.80 5.16 12.99
C MET A 146 -7.11 5.86 12.64
N GLY A 147 -8.17 5.10 12.40
CA GLY A 147 -9.43 5.75 12.08
C GLY A 147 -9.92 6.57 13.25
N HIS A 148 -9.78 6.02 14.46
CA HIS A 148 -10.19 6.76 15.64
C HIS A 148 -9.31 7.99 15.83
N ALA A 149 -8.01 7.89 15.55
CA ALA A 149 -7.19 9.10 15.70
C ALA A 149 -7.54 10.15 14.64
N LEU A 150 -8.05 9.73 13.48
CA LEU A 150 -8.42 10.67 12.44
C LEU A 150 -9.72 11.39 12.79
N GLU A 151 -10.68 10.67 13.38
CA GLU A 151 -11.88 11.33 13.84
C GLU A 151 -11.53 12.29 14.98
N GLU A 152 -10.78 11.81 15.97
CA GLU A 152 -10.48 12.68 17.11
C GLU A 152 -9.71 13.93 16.70
N ILE A 153 -8.82 13.83 15.72
CA ILE A 153 -7.99 14.99 15.45
C ILE A 153 -8.74 16.08 14.67
N LYS A 154 -9.81 15.76 13.93
CA LYS A 154 -10.58 16.82 13.27
C LYS A 154 -10.95 17.91 14.25
N LYS A 155 -11.34 17.53 15.46
CA LYS A 155 -11.76 18.51 16.44
C LYS A 155 -10.69 19.56 16.73
N PHE A 156 -9.48 19.38 16.22
CA PHE A 156 -8.46 20.39 16.41
C PHE A 156 -8.14 21.18 15.16
N LEU A 157 -8.59 20.73 13.99
CA LEU A 157 -8.27 21.36 12.74
C LEU A 157 -9.43 22.17 12.16
N ILE A 158 -10.43 22.50 12.96
CA ILE A 158 -11.55 23.32 12.43
C ILE A 158 -11.83 24.57 13.28
N LYS B 6 12.06 11.66 -28.29
CA LYS B 6 13.11 10.79 -28.81
C LYS B 6 13.05 9.42 -28.14
N TYR B 7 12.67 9.40 -26.87
CA TYR B 7 12.78 8.13 -26.18
C TYR B 7 11.58 7.24 -26.41
N LEU B 8 10.37 7.78 -26.40
CA LEU B 8 9.21 6.95 -26.71
C LEU B 8 9.25 6.32 -28.09
N PRO B 9 9.72 6.97 -29.15
CA PRO B 9 9.81 6.23 -30.41
C PRO B 9 10.79 5.07 -30.38
N GLU B 10 11.90 5.16 -29.64
CA GLU B 10 12.71 3.96 -29.47
C GLU B 10 11.94 2.85 -28.76
N LEU B 11 11.25 3.18 -27.65
CA LEU B 11 10.48 2.15 -26.95
C LEU B 11 9.48 1.47 -27.88
N MET B 12 8.80 2.24 -28.73
CA MET B 12 7.80 1.65 -29.61
C MET B 12 8.44 0.78 -30.69
N ALA B 13 9.63 1.16 -31.19
CA ALA B 13 10.32 0.28 -32.11
C ALA B 13 10.66 -1.06 -31.45
N GLU B 14 11.12 -1.02 -30.21
CA GLU B 14 11.41 -2.25 -29.50
C GLU B 14 10.14 -3.07 -29.23
N LYS B 15 9.08 -2.45 -28.70
CA LYS B 15 7.79 -3.12 -28.61
C LYS B 15 7.44 -3.86 -29.89
N ASP B 16 7.59 -3.21 -31.04
CA ASP B 16 7.14 -3.84 -32.27
C ASP B 16 8.12 -4.89 -32.78
N SER B 17 9.39 -4.82 -32.38
CA SER B 17 10.36 -5.75 -32.93
C SER B 17 10.73 -6.86 -31.97
N LEU B 18 10.44 -6.72 -30.68
CA LEU B 18 10.75 -7.80 -29.74
C LEU B 18 10.02 -9.08 -30.11
N ASP B 19 10.70 -10.20 -29.93
CA ASP B 19 10.03 -11.46 -30.18
C ASP B 19 8.94 -11.68 -29.13
N PRO B 20 7.76 -12.19 -29.52
CA PRO B 20 6.71 -12.47 -28.53
C PRO B 20 7.17 -13.26 -27.30
N SER B 21 8.09 -14.23 -27.45
CA SER B 21 8.43 -15.06 -26.30
C SER B 21 9.12 -14.29 -25.17
N PHE B 22 9.45 -13.00 -25.34
CA PHE B 22 10.05 -12.22 -24.24
C PHE B 22 8.92 -11.51 -23.47
N THR B 23 8.08 -12.34 -22.83
CA THR B 23 6.85 -11.83 -22.22
C THR B 23 7.15 -10.81 -21.14
N HIS B 24 8.16 -11.08 -20.30
CA HIS B 24 8.39 -10.11 -19.24
C HIS B 24 8.99 -8.82 -19.76
N ALA B 25 9.96 -8.90 -20.71
CA ALA B 25 10.51 -7.69 -21.29
C ALA B 25 9.42 -6.86 -21.95
N LEU B 26 8.54 -7.51 -22.72
CA LEU B 26 7.44 -6.78 -23.36
C LEU B 26 6.58 -6.07 -22.34
N ARG B 27 6.29 -6.73 -21.23
CA ARG B 27 5.50 -6.10 -20.16
C ARG B 27 6.21 -4.87 -19.62
N LEU B 28 7.53 -4.98 -19.39
CA LEU B 28 8.23 -3.82 -18.84
C LEU B 28 8.34 -2.70 -19.86
N VAL B 29 8.43 -3.04 -21.14
CA VAL B 29 8.48 -2.01 -22.15
C VAL B 29 7.14 -1.31 -22.27
N ASN B 30 6.05 -2.07 -22.34
CA ASN B 30 4.73 -1.45 -22.46
C ASN B 30 4.42 -0.60 -21.25
N GLN B 31 4.74 -1.12 -20.07
CA GLN B 31 4.60 -0.35 -18.86
C GLN B 31 5.34 0.99 -18.96
N GLU B 32 6.59 0.95 -19.40
CA GLU B 32 7.35 2.19 -19.53
C GLU B 32 6.74 3.12 -20.57
N ILE B 33 6.17 2.55 -21.64
CA ILE B 33 5.53 3.36 -22.67
C ILE B 33 4.32 4.07 -22.09
N GLU B 34 3.44 3.30 -21.46
CA GLU B 34 2.20 3.82 -20.91
C GLU B 34 2.43 4.94 -19.88
N LYS B 35 3.65 5.11 -19.36
CA LYS B 35 3.87 6.24 -18.47
C LYS B 35 3.97 7.58 -19.18
N PHE B 36 3.61 7.65 -20.46
CA PHE B 36 3.43 8.93 -21.11
C PHE B 36 2.01 9.50 -20.89
N LYS B 46 0.00 11.88 -1.45
CA LYS B 46 -0.37 13.19 -0.94
C LYS B 46 -0.83 13.14 0.53
N TYR B 47 -1.00 14.32 1.13
CA TYR B 47 -1.43 14.48 2.50
C TYR B 47 -2.95 14.42 2.60
N ILE B 48 -3.44 13.97 3.74
CA ILE B 48 -4.88 13.87 3.99
C ILE B 48 -5.36 15.21 4.52
N ASP B 49 -6.34 15.82 3.84
CA ASP B 49 -6.93 17.08 4.29
C ASP B 49 -8.28 16.74 4.92
N VAL B 50 -8.39 16.95 6.22
CA VAL B 50 -9.50 16.39 6.96
C VAL B 50 -10.71 17.32 7.04
N VAL B 51 -10.60 18.58 6.58
CA VAL B 51 -11.80 19.40 6.55
C VAL B 51 -12.72 18.97 5.41
N ILE B 52 -12.21 18.93 4.17
CA ILE B 52 -13.08 18.56 3.05
C ILE B 52 -13.32 17.05 3.00
N ASN B 53 -12.48 16.25 3.64
CA ASN B 53 -12.82 14.87 3.97
C ASN B 53 -13.24 14.06 2.74
N LYS B 54 -12.43 14.14 1.68
CA LYS B 54 -12.69 13.43 0.43
C LYS B 54 -12.35 11.95 0.53
N ASN B 55 -13.02 11.14 -0.29
CA ASN B 55 -12.76 9.70 -0.31
C ASN B 55 -11.29 9.46 -0.61
N MET B 56 -10.69 8.52 0.12
CA MET B 56 -9.35 8.04 -0.15
C MET B 56 -9.38 6.52 -0.34
N LYS B 57 -8.40 6.02 -1.09
CA LYS B 57 -8.20 4.60 -1.36
C LYS B 57 -7.28 4.00 -0.31
N LEU B 58 -7.70 2.88 0.28
CA LEU B 58 -6.80 2.10 1.13
C LEU B 58 -6.79 0.69 0.58
N GLY B 59 -5.59 0.12 0.48
CA GLY B 59 -5.44 -1.28 0.08
C GLY B 59 -4.56 -2.04 1.05
N GLN B 60 -4.91 -3.31 1.28
CA GLN B 60 -4.08 -4.11 2.18
C GLN B 60 -4.13 -5.58 1.76
N LYS B 61 -2.97 -6.22 1.65
CA LYS B 61 -2.92 -7.61 1.22
C LYS B 61 -2.77 -8.52 2.42
N VAL B 62 -3.51 -9.62 2.42
CA VAL B 62 -3.53 -10.51 3.56
C VAL B 62 -3.17 -11.88 3.05
N LEU B 63 -2.09 -12.44 3.61
CA LEU B 63 -1.65 -13.76 3.18
C LEU B 63 -2.67 -14.81 3.58
N ILE B 64 -2.95 -15.72 2.66
CA ILE B 64 -3.65 -16.95 2.97
C ILE B 64 -2.61 -17.97 3.43
N PRO B 65 -2.71 -18.51 4.64
CA PRO B 65 -1.56 -19.30 5.17
C PRO B 65 -1.40 -20.68 4.57
N VAL B 66 -1.18 -20.77 3.25
CA VAL B 66 -1.14 -22.07 2.59
C VAL B 66 0.04 -22.90 3.04
N LYS B 67 1.18 -22.27 3.33
CA LYS B 67 2.36 -23.06 3.66
C LYS B 67 2.11 -23.85 4.92
N GLN B 68 1.51 -23.21 5.90
CA GLN B 68 1.30 -23.86 7.16
C GLN B 68 0.06 -24.74 7.15
N PHE B 69 -0.92 -24.48 6.29
CA PHE B 69 -2.05 -25.36 6.08
C PHE B 69 -2.17 -25.74 4.60
N PRO B 70 -1.29 -26.62 4.12
CA PRO B 70 -1.21 -26.86 2.66
C PRO B 70 -2.41 -27.58 2.08
N LYS B 71 -3.23 -28.26 2.87
CA LYS B 71 -4.36 -28.95 2.27
C LYS B 71 -5.71 -28.36 2.65
N PHE B 72 -5.75 -27.24 3.34
CA PHE B 72 -7.06 -26.69 3.69
C PHE B 72 -7.60 -25.92 2.51
N ASN B 73 -8.91 -25.97 2.29
CA ASN B 73 -9.44 -25.29 1.11
C ASN B 73 -9.90 -23.87 1.48
N PHE B 74 -8.91 -22.96 1.59
CA PHE B 74 -9.21 -21.58 2.00
C PHE B 74 -10.04 -20.84 0.96
N VAL B 75 -9.68 -20.99 -0.31
CA VAL B 75 -10.38 -20.24 -1.32
C VAL B 75 -11.82 -20.70 -1.39
N GLY B 76 -12.07 -22.01 -1.35
CA GLY B 76 -13.42 -22.49 -1.39
C GLY B 76 -14.24 -21.99 -0.20
N LYS B 77 -13.63 -21.96 1.00
CA LYS B 77 -14.29 -21.40 2.18
C LYS B 77 -14.55 -19.92 2.00
N LEU B 78 -13.59 -19.20 1.45
CA LEU B 78 -13.78 -17.76 1.30
C LEU B 78 -14.91 -17.46 0.33
N LEU B 79 -14.99 -18.16 -0.82
CA LEU B 79 -15.94 -17.76 -1.83
C LEU B 79 -17.35 -18.21 -1.49
N GLY B 80 -17.54 -19.48 -1.09
CA GLY B 80 -18.87 -19.99 -0.78
C GLY B 80 -19.57 -20.45 -2.04
N PRO B 81 -20.82 -20.89 -1.92
CA PRO B 81 -21.55 -21.30 -3.13
C PRO B 81 -21.78 -20.08 -4.04
N ARG B 82 -21.38 -20.20 -5.30
CA ARG B 82 -21.61 -19.16 -6.30
C ARG B 82 -20.96 -17.86 -5.89
N GLY B 83 -20.01 -17.90 -4.98
CA GLY B 83 -19.35 -16.66 -4.59
C GLY B 83 -20.08 -15.92 -3.50
N ASN B 84 -21.23 -16.43 -3.07
CA ASN B 84 -22.10 -15.63 -2.22
C ASN B 84 -21.45 -15.32 -0.87
N SER B 85 -20.61 -16.21 -0.32
CA SER B 85 -20.00 -15.86 0.96
C SER B 85 -19.11 -14.64 0.83
N LEU B 86 -18.22 -14.61 -0.20
CA LEU B 86 -17.36 -13.46 -0.31
C LEU B 86 -18.19 -12.21 -0.66
N LYS B 87 -19.21 -12.33 -1.53
CA LYS B 87 -20.00 -11.13 -1.80
C LYS B 87 -20.67 -10.59 -0.54
N ARG B 88 -21.19 -11.48 0.31
CA ARG B 88 -21.86 -11.00 1.54
C ARG B 88 -20.84 -10.37 2.47
N LEU B 89 -19.63 -10.91 2.49
CA LEU B 89 -18.65 -10.34 3.39
C LEU B 89 -18.22 -8.97 2.88
N GLN B 90 -18.10 -8.82 1.54
CA GLN B 90 -17.84 -7.52 0.92
C GLN B 90 -18.93 -6.53 1.27
N GLU B 91 -20.19 -6.93 1.09
CA GLU B 91 -21.29 -6.01 1.37
C GLU B 91 -21.34 -5.60 2.84
N GLU B 92 -21.11 -6.55 3.76
CA GLU B 92 -21.26 -6.18 5.18
C GLU B 92 -20.02 -5.49 5.70
N THR B 93 -18.89 -5.57 5.00
CA THR B 93 -17.73 -4.79 5.43
C THR B 93 -17.56 -3.48 4.64
N LEU B 94 -18.38 -3.23 3.62
CA LEU B 94 -18.15 -2.10 2.71
C LEU B 94 -16.73 -2.07 2.17
N THR B 95 -16.21 -3.22 1.75
CA THR B 95 -14.91 -3.31 1.07
C THR B 95 -15.07 -4.08 -0.24
N LYS B 96 -14.08 -4.00 -1.12
CA LYS B 96 -13.87 -4.93 -2.22
C LYS B 96 -12.71 -5.89 -1.86
N MET B 97 -12.92 -7.19 -2.01
CA MET B 97 -11.92 -8.23 -1.71
C MET B 97 -11.62 -9.04 -2.97
N SER B 98 -10.35 -9.20 -3.32
CA SER B 98 -9.98 -9.94 -4.51
C SER B 98 -9.05 -11.03 -4.02
N ILE B 99 -9.36 -12.29 -4.35
CA ILE B 99 -8.45 -13.39 -4.08
C ILE B 99 -7.48 -13.49 -5.28
N LEU B 100 -6.22 -13.21 -5.04
CA LEU B 100 -5.15 -13.11 -6.06
C LEU B 100 -3.97 -14.04 -5.74
N GLY B 101 -3.03 -14.19 -6.71
CA GLY B 101 -1.82 -14.90 -6.41
C GLY B 101 -1.88 -16.36 -6.79
N LYS B 102 -0.72 -17.00 -6.67
CA LYS B 102 -0.60 -18.43 -7.01
C LYS B 102 -1.62 -19.26 -6.26
N GLY B 103 -2.39 -20.04 -7.00
CA GLY B 103 -3.35 -20.93 -6.43
C GLY B 103 -4.70 -20.28 -6.23
N SER B 104 -4.86 -19.02 -6.66
CA SER B 104 -6.14 -18.32 -6.57
C SER B 104 -7.16 -18.79 -7.60
N MET B 105 -6.76 -19.55 -8.61
CA MET B 105 -7.73 -20.08 -9.55
C MET B 105 -8.01 -21.53 -9.26
N ARG B 106 -9.14 -21.99 -9.83
CA ARG B 106 -9.64 -23.32 -9.63
C ARG B 106 -8.72 -24.37 -10.24
N ASP B 107 -8.25 -24.13 -11.47
CA ASP B 107 -7.55 -25.13 -12.27
C ASP B 107 -6.09 -24.70 -12.37
N LYS B 108 -5.17 -25.48 -11.77
CA LYS B 108 -3.82 -24.96 -11.61
C LYS B 108 -3.05 -24.98 -12.95
N ALA B 109 -3.42 -25.87 -13.86
CA ALA B 109 -2.77 -25.92 -15.16
C ALA B 109 -3.23 -24.75 -16.00
N LYS B 110 -4.53 -24.45 -15.97
N LYS B 110 -4.53 -24.47 -16.00
CA LYS B 110 -5.05 -23.28 -16.65
CA LYS B 110 -5.04 -23.28 -16.66
C LYS B 110 -4.46 -22.01 -16.06
C LYS B 110 -4.38 -22.05 -16.07
N GLU B 111 -4.30 -21.99 -14.75
CA GLU B 111 -3.72 -20.82 -14.10
C GLU B 111 -2.30 -20.58 -14.59
N GLU B 112 -1.52 -21.65 -14.69
CA GLU B 112 -0.11 -21.47 -15.06
C GLU B 112 0.03 -20.96 -16.49
N GLU B 113 -0.82 -21.41 -17.42
CA GLU B 113 -0.79 -20.86 -18.78
C GLU B 113 -1.17 -19.37 -18.77
N LEU B 114 -2.15 -18.97 -17.97
CA LEU B 114 -2.45 -17.55 -17.93
C LEU B 114 -1.30 -16.77 -17.34
N ARG B 115 -0.64 -17.32 -16.32
CA ARG B 115 0.53 -16.65 -15.77
C ARG B 115 1.56 -16.39 -16.87
N LYS B 116 1.81 -17.40 -17.70
CA LYS B 116 2.86 -17.33 -18.72
C LYS B 116 2.50 -16.37 -19.85
N SER B 117 1.24 -15.96 -19.96
CA SER B 117 0.82 -15.09 -21.05
C SER B 117 1.44 -13.70 -20.95
N GLY B 118 1.85 -13.26 -19.74
CA GLY B 118 2.47 -11.97 -19.56
C GLY B 118 1.55 -10.78 -19.50
N GLU B 119 0.26 -10.95 -19.80
CA GLU B 119 -0.71 -9.89 -19.62
C GLU B 119 -0.67 -9.34 -18.19
N ALA B 120 -0.80 -8.02 -18.08
CA ALA B 120 -0.76 -7.42 -16.75
C ALA B 120 -1.91 -7.89 -15.90
N LYS B 121 -3.01 -8.26 -16.56
CA LYS B 121 -4.21 -8.75 -15.91
C LYS B 121 -3.96 -10.02 -15.12
N TYR B 122 -2.95 -10.81 -15.53
CA TYR B 122 -2.62 -12.05 -14.87
C TYR B 122 -1.27 -12.00 -14.20
N PHE B 123 -0.67 -10.82 -14.13
CA PHE B 123 0.66 -10.73 -13.54
C PHE B 123 0.63 -11.12 -12.04
N HIS B 124 -0.47 -10.83 -11.32
CA HIS B 124 -0.57 -11.22 -9.89
C HIS B 124 -0.39 -12.72 -9.66
N LEU B 125 -0.55 -13.55 -10.68
CA LEU B 125 -0.35 -14.98 -10.47
C LEU B 125 1.08 -15.36 -10.16
N ASN B 126 2.04 -14.45 -10.37
CA ASN B 126 3.40 -14.70 -9.90
C ASN B 126 3.55 -14.53 -8.41
N ASP B 127 2.52 -14.09 -7.73
CA ASP B 127 2.61 -13.70 -6.33
C ASP B 127 2.07 -14.80 -5.43
N ASP B 128 2.33 -14.64 -4.13
CA ASP B 128 1.78 -15.58 -3.16
C ASP B 128 0.27 -15.39 -3.04
N LEU B 129 -0.42 -16.45 -2.68
CA LEU B 129 -1.88 -16.42 -2.54
C LEU B 129 -2.28 -15.40 -1.45
N HIS B 130 -3.10 -14.42 -1.80
CA HIS B 130 -3.50 -13.44 -0.80
C HIS B 130 -4.88 -12.92 -1.14
N VAL B 131 -5.47 -12.22 -0.16
CA VAL B 131 -6.70 -11.48 -0.36
C VAL B 131 -6.32 -10.02 -0.35
N LEU B 132 -6.79 -9.29 -1.37
CA LEU B 132 -6.53 -7.87 -1.45
C LEU B 132 -7.82 -7.20 -1.05
N ILE B 133 -7.75 -6.43 0.02
CA ILE B 133 -8.89 -5.72 0.58
C ILE B 133 -8.68 -4.26 0.24
N GLU B 134 -9.69 -3.67 -0.37
CA GLU B 134 -9.60 -2.30 -0.84
C GLU B 134 -10.79 -1.57 -0.34
N VAL B 135 -10.54 -0.33 0.08
CA VAL B 135 -11.57 0.52 0.61
C VAL B 135 -11.46 1.86 -0.09
N PHE B 136 -12.62 2.48 -0.36
CA PHE B 136 -12.70 3.84 -0.87
C PHE B 136 -13.71 4.60 -0.02
N ALA B 137 -13.25 5.50 0.85
CA ALA B 137 -14.14 6.20 1.78
C ALA B 137 -13.36 7.38 2.38
N PRO B 138 -14.04 8.32 3.03
CA PRO B 138 -13.32 9.37 3.78
C PRO B 138 -12.38 8.71 4.78
N PRO B 139 -11.26 9.38 5.10
CA PRO B 139 -10.17 8.75 5.88
C PRO B 139 -10.59 8.02 7.15
N ALA B 140 -11.20 8.71 8.12
CA ALA B 140 -11.50 8.04 9.38
C ALA B 140 -12.33 6.80 9.13
N GLU B 141 -13.30 6.89 8.22
CA GLU B 141 -14.12 5.74 7.84
C GLU B 141 -13.34 4.71 7.03
N ALA B 142 -12.38 5.12 6.21
CA ALA B 142 -11.70 4.09 5.42
C ALA B 142 -10.83 3.21 6.33
N TYR B 143 -10.14 3.82 7.28
CA TYR B 143 -9.34 3.03 8.20
C TYR B 143 -10.21 2.19 9.12
N ALA B 144 -11.37 2.74 9.56
CA ALA B 144 -12.28 1.90 10.35
C ALA B 144 -12.80 0.71 9.53
N ARG B 145 -13.25 0.95 8.29
CA ARG B 145 -13.73 -0.16 7.48
C ARG B 145 -12.66 -1.23 7.35
N MET B 146 -11.43 -0.82 7.06
CA MET B 146 -10.40 -1.81 6.82
C MET B 146 -10.17 -2.61 8.08
N GLY B 147 -10.21 -1.96 9.25
CA GLY B 147 -10.01 -2.70 10.48
C GLY B 147 -11.09 -3.75 10.69
N HIS B 148 -12.35 -3.38 10.41
CA HIS B 148 -13.42 -4.36 10.54
C HIS B 148 -13.25 -5.48 9.52
N ALA B 149 -12.81 -5.16 8.30
CA ALA B 149 -12.64 -6.24 7.33
C ALA B 149 -11.55 -7.21 7.78
N LEU B 150 -10.46 -6.69 8.34
CA LEU B 150 -9.41 -7.56 8.82
C LEU B 150 -9.88 -8.49 9.94
N GLU B 151 -10.70 -7.98 10.86
CA GLU B 151 -11.21 -8.84 11.93
C GLU B 151 -12.12 -9.94 11.36
N GLU B 152 -13.01 -9.58 10.40
CA GLU B 152 -13.89 -10.62 9.86
C GLU B 152 -13.12 -11.62 9.01
N ILE B 153 -12.08 -11.17 8.31
CA ILE B 153 -11.46 -12.10 7.35
C ILE B 153 -10.71 -13.20 8.10
N LYS B 154 -10.31 -12.97 9.36
CA LYS B 154 -9.70 -14.00 10.21
C LYS B 154 -10.54 -15.25 10.31
N LYS B 155 -11.87 -15.09 10.44
CA LYS B 155 -12.74 -16.26 10.67
C LYS B 155 -12.73 -17.24 9.49
N PHE B 156 -12.28 -16.79 8.32
CA PHE B 156 -12.09 -17.60 7.13
C PHE B 156 -10.67 -18.12 6.96
N LEU B 157 -9.66 -17.34 7.35
CA LEU B 157 -8.27 -17.73 7.07
C LEU B 157 -7.66 -18.59 8.14
N ILE B 158 -8.26 -18.63 9.32
CA ILE B 158 -7.74 -19.50 10.37
C ILE B 158 -8.67 -20.71 10.44
N PRO B 159 -8.22 -21.93 10.09
CA PRO B 159 -9.10 -23.10 10.20
C PRO B 159 -9.52 -23.28 11.65
N ASP B 160 -10.58 -24.07 11.86
CA ASP B 160 -11.02 -24.33 13.22
C ASP B 160 -11.63 -25.75 13.37
#